data_6NAZ
#
_entry.id   6NAZ
#
_cell.length_a   92.030
_cell.length_b   92.030
_cell.length_c   86.520
_cell.angle_alpha   90.00
_cell.angle_beta   90.00
_cell.angle_gamma   120.00
#
_symmetry.space_group_name_H-M   'P 65 2 2'
#
loop_
_entity.id
_entity.type
_entity.pdbx_description
1 polymer 'GTP-binding protein Di-Ras2,GTP-binding protein Di-Ras3,GTP-binding protein Di-Ras2'
2 non-polymer "GUANOSINE-5'-DIPHOSPHATE"
3 non-polymer GLYCEROL
4 non-polymer 1,2-ETHANEDIOL
5 water water
#
_entity_poly.entity_id   1
_entity_poly.type   'polypeptide(L)'
_entity_poly.pdbx_seq_one_letter_code
;MPEQSNDYRVAVFGAGGVGKSSLVLRFVKGTFRESYIPTVEDTYRQVISCDKSICTLQITDSKSGDGNRALQRHVIARGH
AFILVYSITSRQSLEELKPIYEQICEIKGDVESIPIMLVGNKCDESPSREVQSSEAEALARTWKCAFMETSAKLNHNVKE
LFQELLNLEKRRTVSLQIDGKKSKQQKRKEKLKGKCVIM
;
_entity_poly.pdbx_strand_id   A
#
loop_
_chem_comp.id
_chem_comp.type
_chem_comp.name
_chem_comp.formula
EDO non-polymer 1,2-ETHANEDIOL 'C2 H6 O2'
GDP RNA linking GUANOSINE-5'-DIPHOSPHATE 'C10 H15 N5 O11 P2'
GOL non-polymer GLYCEROL 'C3 H8 O3'
#
# COMPACT_ATOMS: atom_id res chain seq x y z
N ASN A 6 -14.90 -11.60 -11.02
CA ASN A 6 -13.98 -10.61 -11.57
C ASN A 6 -13.90 -9.37 -10.68
N ASP A 7 -14.78 -9.32 -9.67
CA ASP A 7 -14.72 -8.23 -8.70
C ASP A 7 -13.38 -8.27 -7.96
N TYR A 8 -12.86 -7.08 -7.63
CA TYR A 8 -11.48 -6.99 -7.16
C TYR A 8 -11.34 -5.69 -6.37
N ARG A 9 -11.27 -5.80 -5.04
CA ARG A 9 -11.22 -4.65 -4.15
C ARG A 9 -9.97 -4.73 -3.29
N VAL A 10 -9.17 -3.66 -3.32
CA VAL A 10 -7.92 -3.59 -2.58
C VAL A 10 -8.04 -2.49 -1.52
N ALA A 11 -7.02 -2.36 -0.68
CA ALA A 11 -6.95 -1.29 0.30
C ALA A 11 -5.49 -0.95 0.55
N VAL A 12 -5.14 0.32 0.39
CA VAL A 12 -3.75 0.77 0.48
C VAL A 12 -3.60 1.64 1.72
N PHE A 13 -2.57 1.35 2.52
CA PHE A 13 -2.32 2.07 3.76
C PHE A 13 -0.86 2.52 3.80
N GLY A 14 -0.64 3.64 4.48
CA GLY A 14 0.69 4.18 4.62
C GLY A 14 0.65 5.64 5.00
N ALA A 15 1.80 6.13 5.46
CA ALA A 15 1.92 7.52 5.85
C ALA A 15 1.77 8.43 4.65
N GLY A 16 1.66 9.73 4.92
CA GLY A 16 1.48 10.70 3.84
C GLY A 16 2.76 10.85 3.03
N GLY A 17 2.63 10.78 1.70
CA GLY A 17 3.73 11.00 0.80
C GLY A 17 4.50 9.76 0.38
N VAL A 18 4.17 8.59 0.94
CA VAL A 18 4.92 7.38 0.60
C VAL A 18 4.61 6.93 -0.83
N GLY A 19 3.41 7.21 -1.32
CA GLY A 19 3.08 6.91 -2.71
C GLY A 19 2.03 5.83 -2.90
N LYS A 20 0.94 5.88 -2.13
CA LYS A 20 -0.15 4.93 -2.32
C LYS A 20 -0.87 5.18 -3.63
N SER A 21 -1.38 6.41 -3.81
CA SER A 21 -2.05 6.78 -5.05
C SER A 21 -1.11 6.78 -6.24
N SER A 22 0.20 6.92 -6.01
CA SER A 22 1.14 6.85 -7.11
C SER A 22 1.30 5.42 -7.62
N LEU A 23 1.14 4.43 -6.73
CA LEU A 23 1.19 3.03 -7.15
C LEU A 23 -0.14 2.60 -7.76
N VAL A 24 -1.25 2.94 -7.11
CA VAL A 24 -2.56 2.56 -7.65
C VAL A 24 -2.79 3.21 -8.99
N LEU A 25 -2.44 4.50 -9.11
CA LEU A 25 -2.65 5.21 -10.37
C LEU A 25 -1.82 4.62 -11.51
N ARG A 26 -0.66 4.04 -11.18
CA ARG A 26 0.14 3.39 -12.22
C ARG A 26 -0.30 1.96 -12.49
N PHE A 27 -1.01 1.32 -11.56
CA PHE A 27 -1.57 0.01 -11.87
C PHE A 27 -2.85 0.12 -12.67
N VAL A 28 -3.65 1.16 -12.45
CA VAL A 28 -4.94 1.28 -13.13
C VAL A 28 -4.78 1.89 -14.51
N LYS A 29 -4.05 3.01 -14.61
CA LYS A 29 -3.90 3.74 -15.85
C LYS A 29 -2.49 3.71 -16.41
N GLY A 30 -1.55 3.09 -15.72
CA GLY A 30 -0.18 2.99 -16.20
C GLY A 30 0.59 4.29 -16.23
N THR A 31 0.06 5.36 -15.65
CA THR A 31 0.66 6.67 -15.71
C THR A 31 1.44 6.98 -14.44
N PHE A 32 2.31 7.98 -14.52
CA PHE A 32 2.98 8.55 -13.37
C PHE A 32 3.41 9.96 -13.70
N ARG A 33 3.27 10.86 -12.73
CA ARG A 33 3.66 12.25 -12.91
C ARG A 33 4.13 12.77 -11.57
N GLU A 34 5.43 13.05 -11.47
CA GLU A 34 6.01 13.46 -10.21
C GLU A 34 5.42 14.78 -9.73
N SER A 35 5.24 14.90 -8.42
CA SER A 35 4.72 16.12 -7.82
C SER A 35 5.12 16.15 -6.36
N TYR A 36 5.06 17.33 -5.77
CA TYR A 36 5.27 17.49 -4.34
C TYR A 36 4.31 18.52 -3.79
N ILE A 37 3.86 18.28 -2.56
CA ILE A 37 2.98 19.20 -1.85
C ILE A 37 3.09 18.87 -0.36
N PRO A 38 3.33 19.86 0.51
CA PRO A 38 3.51 19.55 1.93
C PRO A 38 2.28 18.87 2.53
N THR A 39 2.54 17.98 3.49
CA THR A 39 1.47 17.18 4.08
C THR A 39 0.38 18.05 4.71
N VAL A 40 0.76 19.24 5.21
CA VAL A 40 -0.23 20.17 5.73
C VAL A 40 -1.26 20.52 4.66
N GLU A 41 -0.87 20.47 3.40
CA GLU A 41 -1.80 20.57 2.28
C GLU A 41 -2.10 19.21 1.66
N ASP A 42 -1.68 18.12 2.31
CA ASP A 42 -1.80 16.75 1.77
C ASP A 42 -1.11 16.62 0.43
N TYR A 44 -2.70 11.70 2.78
CA TYR A 44 -3.76 11.99 1.81
C TYR A 44 -4.77 10.85 1.75
N ARG A 45 -5.80 11.01 0.92
CA ARG A 45 -6.85 10.00 0.81
C ARG A 45 -7.44 10.07 -0.59
N GLN A 46 -7.40 8.96 -1.30
CA GLN A 46 -7.95 8.86 -2.64
C GLN A 46 -8.80 7.61 -2.74
N VAL A 47 -9.77 7.65 -3.65
CA VAL A 47 -10.67 6.52 -3.90
C VAL A 47 -10.86 6.42 -5.40
N ILE A 48 -10.23 5.42 -6.03
CA ILE A 48 -10.31 5.24 -7.47
C ILE A 48 -10.91 3.86 -7.75
N SER A 49 -12.06 3.86 -8.43
CA SER A 49 -12.77 2.63 -8.75
C SER A 49 -13.34 2.76 -10.14
N CYS A 50 -12.87 1.93 -11.08
CA CYS A 50 -13.32 1.97 -12.46
C CYS A 50 -14.09 0.69 -12.76
N ASP A 51 -15.38 0.83 -13.07
CA ASP A 51 -16.19 -0.30 -13.48
C ASP A 51 -15.64 -0.86 -14.79
N LYS A 52 -15.07 -2.07 -14.73
CA LYS A 52 -14.33 -2.67 -15.84
C LYS A 52 -15.19 -2.80 -17.10
N SER A 53 -15.86 -3.95 -17.24
CA SER A 53 -16.64 -4.29 -18.42
C SER A 53 -17.34 -5.62 -18.13
N ILE A 54 -16.55 -6.59 -17.67
CA ILE A 54 -17.13 -7.80 -17.10
C ILE A 54 -17.73 -7.51 -15.72
N CYS A 55 -16.95 -6.88 -14.84
CA CYS A 55 -17.42 -6.56 -13.51
C CYS A 55 -16.82 -5.26 -13.00
N THR A 56 -16.05 -5.32 -11.92
CA THR A 56 -15.60 -4.12 -11.21
C THR A 56 -14.15 -4.25 -10.80
N LEU A 57 -13.56 -3.11 -10.43
CA LEU A 57 -12.20 -3.04 -9.92
C LEU A 57 -12.09 -1.76 -9.11
N GLN A 58 -12.03 -1.88 -7.78
CA GLN A 58 -12.15 -0.74 -6.88
C GLN A 58 -10.97 -0.72 -5.91
N ILE A 59 -10.32 0.44 -5.77
CA ILE A 59 -9.14 0.59 -4.92
C ILE A 59 -9.22 1.90 -4.15
N THR A 60 -8.62 1.91 -2.96
CA THR A 60 -8.68 3.04 -2.05
C THR A 60 -7.35 3.25 -1.34
N ASP A 61 -6.96 4.51 -1.19
CA ASP A 61 -5.77 4.93 -0.46
C ASP A 61 -6.18 5.77 0.74
N SER A 62 -5.67 5.42 1.92
CA SER A 62 -6.02 6.09 3.16
C SER A 62 -4.76 6.51 3.91
N LYS A 63 -4.71 7.76 4.34
CA LYS A 63 -3.62 8.26 5.17
C LYS A 63 -4.09 9.40 6.06
N ASN A 68 -9.21 13.09 13.47
CA ASN A 68 -10.58 13.58 13.37
C ASN A 68 -11.57 12.43 13.27
N ARG A 69 -11.70 11.86 12.07
CA ARG A 69 -12.60 10.74 11.81
C ARG A 69 -11.80 9.47 11.65
N ALA A 70 -12.22 8.41 12.33
CA ALA A 70 -11.55 7.11 12.25
C ALA A 70 -12.32 6.20 11.30
N LEU A 71 -12.33 6.60 10.03
CA LEU A 71 -12.91 5.76 8.98
C LEU A 71 -11.99 4.63 8.57
N GLN A 72 -10.73 4.65 9.02
CA GLN A 72 -9.84 3.51 8.82
C GLN A 72 -10.47 2.24 9.39
N ARG A 73 -11.21 2.35 10.49
CA ARG A 73 -11.95 1.20 11.01
C ARG A 73 -12.98 0.71 9.99
N HIS A 74 -13.70 1.63 9.35
CA HIS A 74 -14.69 1.24 8.36
C HIS A 74 -14.03 0.66 7.12
N VAL A 75 -12.93 1.27 6.66
CA VAL A 75 -12.25 0.78 5.47
C VAL A 75 -11.69 -0.61 5.71
N ILE A 76 -11.16 -0.85 6.91
CA ILE A 76 -10.59 -2.16 7.22
C ILE A 76 -11.69 -3.20 7.40
N ALA A 77 -12.75 -2.85 8.14
CA ALA A 77 -13.83 -3.79 8.37
C ALA A 77 -14.53 -4.18 7.08
N ARG A 78 -14.75 -3.21 6.19
CA ARG A 78 -15.35 -3.50 4.90
C ARG A 78 -14.34 -4.11 3.92
N GLY A 79 -13.06 -3.78 4.08
CA GLY A 79 -12.05 -4.29 3.18
C GLY A 79 -11.75 -5.76 3.42
N HIS A 80 -11.07 -6.35 2.44
CA HIS A 80 -10.71 -7.76 2.50
C HIS A 80 -9.33 -8.06 1.95
N ALA A 81 -8.57 -7.05 1.53
CA ALA A 81 -7.21 -7.22 1.06
C ALA A 81 -6.49 -5.88 1.19
N PHE A 82 -5.33 -5.89 1.85
CA PHE A 82 -4.70 -4.65 2.29
C PHE A 82 -3.28 -4.55 1.77
N ILE A 83 -2.87 -3.32 1.46
CA ILE A 83 -1.49 -2.98 1.11
C ILE A 83 -0.96 -2.02 2.16
N LEU A 84 0.21 -2.31 2.70
CA LEU A 84 0.90 -1.44 3.64
C LEU A 84 2.14 -0.88 2.95
N VAL A 85 2.16 0.44 2.77
CA VAL A 85 3.22 1.10 1.99
C VAL A 85 4.05 1.96 2.95
N TYR A 86 5.37 1.84 2.83
CA TYR A 86 6.30 2.70 3.53
C TYR A 86 7.37 3.17 2.55
N SER A 87 7.95 4.32 2.84
CA SER A 87 9.03 4.83 1.99
C SER A 87 10.36 4.20 2.43
N ILE A 88 11.13 3.73 1.44
CA ILE A 88 12.46 3.21 1.73
C ILE A 88 13.32 4.30 2.37
N THR A 89 13.09 5.55 2.01
CA THR A 89 13.84 6.68 2.55
C THR A 89 13.21 7.25 3.82
N SER A 90 12.52 6.42 4.61
CA SER A 90 11.86 6.92 5.82
C SER A 90 11.53 5.71 6.70
N ARG A 91 12.36 5.49 7.73
CA ARG A 91 12.05 4.44 8.70
C ARG A 91 10.83 4.80 9.54
N GLN A 92 10.61 6.11 9.75
CA GLN A 92 9.43 6.57 10.48
C GLN A 92 8.15 6.08 9.80
N SER A 93 8.06 6.28 8.48
CA SER A 93 6.88 5.81 7.74
C SER A 93 6.71 4.30 7.85
N LEU A 94 7.80 3.55 8.00
CA LEU A 94 7.69 2.13 8.27
C LEU A 94 7.16 1.87 9.67
N GLU A 95 7.55 2.70 10.64
CA GLU A 95 7.04 2.54 11.99
C GLU A 95 5.55 2.84 12.07
N GLU A 96 5.04 3.77 11.25
CA GLU A 96 3.63 4.12 11.31
C GLU A 96 2.71 2.99 10.86
N LEU A 97 3.25 1.94 10.24
CA LEU A 97 2.41 0.86 9.72
C LEU A 97 2.05 -0.18 10.76
N LYS A 98 2.77 -0.23 11.89
CA LYS A 98 2.53 -1.25 12.91
C LYS A 98 1.20 -1.01 13.63
N PRO A 99 0.85 0.23 14.00
CA PRO A 99 -0.51 0.46 14.50
C PRO A 99 -1.60 0.10 13.49
N ILE A 100 -1.32 0.22 12.19
CA ILE A 100 -2.29 -0.17 11.18
C ILE A 100 -2.40 -1.68 11.11
N TYR A 101 -1.28 -2.38 11.30
CA TYR A 101 -1.33 -3.84 11.31
C TYR A 101 -2.13 -4.35 12.50
N GLU A 102 -1.83 -3.84 13.70
CA GLU A 102 -2.62 -4.22 14.87
C GLU A 102 -4.08 -3.79 14.72
N GLN A 103 -4.32 -2.68 14.04
CA GLN A 103 -5.68 -2.21 13.82
C GLN A 103 -6.44 -3.14 12.88
N ILE A 104 -5.74 -3.76 11.92
CA ILE A 104 -6.36 -4.75 11.05
C ILE A 104 -6.45 -6.12 11.71
N CYS A 105 -5.66 -6.37 12.75
CA CYS A 105 -5.73 -7.65 13.45
C CYS A 105 -6.86 -7.65 14.47
N GLU A 106 -7.05 -6.54 15.19
CA GLU A 106 -8.11 -6.48 16.19
C GLU A 106 -9.49 -6.48 15.54
N ILE A 107 -9.63 -5.80 14.40
CA ILE A 107 -10.92 -5.69 13.74
C ILE A 107 -11.29 -7.02 13.08
N LYS A 108 -10.37 -7.59 12.31
CA LYS A 108 -10.65 -8.82 11.57
C LYS A 108 -10.15 -10.06 12.30
N GLY A 109 -9.62 -11.02 11.56
CA GLY A 109 -9.11 -12.24 12.15
C GLY A 109 -7.60 -12.24 12.31
N GLU A 112 -5.08 -13.43 10.19
CA GLU A 112 -4.52 -14.75 9.93
C GLU A 112 -4.61 -15.10 8.45
N SER A 113 -5.81 -15.46 8.01
CA SER A 113 -6.04 -15.78 6.60
C SER A 113 -6.21 -14.55 5.72
N ILE A 114 -6.01 -13.36 6.27
CA ILE A 114 -6.20 -12.13 5.49
C ILE A 114 -5.00 -11.94 4.57
N PRO A 115 -5.21 -11.62 3.30
CA PRO A 115 -4.09 -11.33 2.39
C PRO A 115 -3.54 -9.94 2.64
N ILE A 116 -2.36 -9.88 3.24
CA ILE A 116 -1.70 -8.61 3.55
C ILE A 116 -0.37 -8.56 2.80
N MET A 117 0.03 -7.34 2.44
CA MET A 117 1.28 -7.13 1.72
C MET A 117 1.98 -5.89 2.27
N LEU A 118 3.30 -6.00 2.46
CA LEU A 118 4.13 -4.90 2.94
C LEU A 118 5.03 -4.46 1.80
N VAL A 119 4.88 -3.19 1.39
CA VAL A 119 5.51 -2.67 0.17
C VAL A 119 6.56 -1.64 0.55
N GLY A 120 7.77 -1.82 0.03
CA GLY A 120 8.83 -0.83 0.19
C GLY A 120 8.94 0.06 -1.03
N ASN A 121 8.00 1.01 -1.16
CA ASN A 121 7.94 1.87 -2.31
C ASN A 121 9.11 2.86 -2.31
N LYS A 122 9.33 3.49 -3.47
CA LYS A 122 10.39 4.49 -3.65
C LYS A 122 11.77 3.86 -3.48
N CYS A 123 11.92 2.63 -3.97
CA CYS A 123 13.21 1.94 -3.92
C CYS A 123 14.22 2.51 -4.91
N ASP A 124 13.77 3.34 -5.86
CA ASP A 124 14.67 3.94 -6.84
C ASP A 124 15.65 4.93 -6.21
N GLU A 125 15.51 5.22 -4.92
CA GLU A 125 16.40 6.16 -4.24
C GLU A 125 17.20 5.46 -3.16
N SER A 126 17.98 4.45 -3.54
CA SER A 126 18.87 3.80 -2.59
C SER A 126 19.92 4.74 -1.98
N PRO A 127 20.38 5.80 -2.65
CA PRO A 127 21.19 6.81 -1.94
C PRO A 127 20.54 7.32 -0.66
N SER A 128 19.22 7.38 -0.60
CA SER A 128 18.51 7.78 0.61
C SER A 128 17.89 6.61 1.35
N ARG A 129 18.27 5.37 1.00
CA ARG A 129 17.70 4.19 1.63
C ARG A 129 17.99 4.15 3.13
N GLU A 130 16.98 4.45 3.94
CA GLU A 130 17.11 4.31 5.38
C GLU A 130 16.76 2.89 5.84
N VAL A 131 15.67 2.34 5.29
CA VAL A 131 15.22 0.99 5.63
C VAL A 131 15.89 0.02 4.67
N GLN A 132 16.83 -0.77 5.16
CA GLN A 132 17.35 -1.88 4.39
C GLN A 132 16.31 -3.00 4.35
N SER A 133 16.32 -3.75 3.25
CA SER A 133 15.30 -4.79 3.07
C SER A 133 15.41 -5.92 4.08
N SER A 134 16.54 -6.03 4.79
CA SER A 134 16.66 -7.05 5.82
C SER A 134 15.67 -6.81 6.96
N GLU A 135 15.77 -5.62 7.58
CA GLU A 135 14.88 -5.24 8.67
C GLU A 135 13.41 -5.40 8.27
N ALA A 136 13.08 -5.11 7.01
CA ALA A 136 11.70 -5.23 6.57
C ALA A 136 11.30 -6.69 6.38
N GLU A 137 12.18 -7.49 5.79
CA GLU A 137 11.87 -8.91 5.56
C GLU A 137 11.65 -9.65 6.88
N ALA A 138 12.43 -9.32 7.91
CA ALA A 138 12.19 -9.92 9.22
C ALA A 138 10.78 -9.60 9.70
N LEU A 139 10.35 -8.35 9.55
CA LEU A 139 9.00 -7.97 9.96
C LEU A 139 7.94 -8.71 9.14
N ALA A 140 8.15 -8.84 7.83
CA ALA A 140 7.21 -9.60 7.02
C ALA A 140 7.15 -11.05 7.46
N ARG A 141 8.27 -11.60 7.94
CA ARG A 141 8.25 -12.97 8.46
C ARG A 141 7.47 -13.05 9.77
N THR A 142 7.60 -12.03 10.64
CA THR A 142 6.87 -12.08 11.90
C THR A 142 5.39 -11.70 11.74
N TRP A 143 5.00 -11.12 10.60
CA TRP A 143 3.60 -10.84 10.32
C TRP A 143 2.93 -11.91 9.46
N LYS A 144 3.71 -12.86 8.94
CA LYS A 144 3.21 -13.91 8.05
C LYS A 144 2.56 -13.31 6.80
N CYS A 145 3.15 -12.22 6.30
CA CYS A 145 2.68 -11.55 5.09
C CYS A 145 3.84 -11.41 4.11
N ALA A 146 3.51 -11.08 2.87
CA ALA A 146 4.50 -10.98 1.81
C ALA A 146 5.04 -9.55 1.70
N PHE A 147 6.31 -9.45 1.32
CA PHE A 147 6.99 -8.17 1.21
C PHE A 147 7.70 -8.06 -0.13
N MET A 148 7.60 -6.88 -0.75
CA MET A 148 8.34 -6.59 -1.97
C MET A 148 8.54 -5.08 -2.07
N GLU A 149 9.59 -4.68 -2.77
CA GLU A 149 9.95 -3.27 -2.92
C GLU A 149 9.57 -2.80 -4.32
N THR A 150 8.73 -1.78 -4.39
CA THR A 150 8.25 -1.23 -5.64
C THR A 150 8.82 0.17 -5.86
N SER A 151 8.48 0.74 -7.02
CA SER A 151 8.88 2.12 -7.34
C SER A 151 7.92 2.63 -8.40
N ALA A 152 6.92 3.42 -7.96
CA ALA A 152 5.93 3.95 -8.89
C ALA A 152 6.56 4.86 -9.94
N LYS A 153 7.73 5.42 -9.67
CA LYS A 153 8.39 6.28 -10.64
C LYS A 153 8.88 5.49 -11.85
N LEU A 154 9.71 4.48 -11.61
CA LEU A 154 10.33 3.69 -12.67
C LEU A 154 9.56 2.40 -12.96
N ASN A 155 8.38 2.24 -12.38
CA ASN A 155 7.52 1.07 -12.62
C ASN A 155 8.22 -0.23 -12.24
N HIS A 156 9.09 -0.19 -11.23
CA HIS A 156 9.67 -1.41 -10.71
C HIS A 156 8.58 -2.25 -10.02
N ASN A 157 8.47 -3.51 -10.44
CA ASN A 157 7.43 -4.46 -10.05
C ASN A 157 6.19 -3.85 -9.41
N VAL A 158 5.59 -2.87 -10.09
CA VAL A 158 4.31 -2.32 -9.62
C VAL A 158 3.17 -3.24 -10.02
N LYS A 159 3.18 -3.74 -11.26
CA LYS A 159 2.17 -4.71 -11.68
C LYS A 159 2.35 -6.04 -10.97
N GLU A 160 3.61 -6.44 -10.76
CA GLU A 160 3.90 -7.68 -10.04
C GLU A 160 3.37 -7.66 -8.61
N LEU A 161 3.03 -6.48 -8.08
CA LEU A 161 2.44 -6.37 -6.76
C LEU A 161 0.94 -6.69 -6.80
N PHE A 162 0.18 -5.89 -7.56
CA PHE A 162 -1.26 -6.08 -7.62
C PHE A 162 -1.63 -7.43 -8.24
N GLN A 163 -0.76 -7.98 -9.08
CA GLN A 163 -0.98 -9.35 -9.56
C GLN A 163 -0.92 -10.33 -8.40
N GLU A 164 0.14 -10.26 -7.59
CA GLU A 164 0.26 -11.12 -6.42
C GLU A 164 -0.88 -10.90 -5.43
N LEU A 165 -1.47 -9.70 -5.41
CA LEU A 165 -2.64 -9.51 -4.56
C LEU A 165 -3.89 -10.12 -5.18
N LEU A 166 -4.03 -10.07 -6.51
CA LEU A 166 -5.20 -10.64 -7.15
C LEU A 166 -5.19 -12.16 -7.08
N ASN A 167 -4.01 -12.78 -7.05
CA ASN A 167 -3.94 -14.23 -7.00
C ASN A 167 -4.56 -14.80 -5.73
N LEU A 168 -4.32 -14.14 -4.60
CA LEU A 168 -4.72 -14.65 -3.30
C LEU A 168 -6.24 -14.80 -3.18
N GLU A 169 -6.76 -15.92 -3.68
CA GLU A 169 -8.19 -16.20 -3.63
C GLU A 169 -8.46 -17.59 -3.05
PB GDP B . 0.06 9.19 -0.58
O1B GDP B . -0.18 9.72 0.81
O2B GDP B . 0.43 7.73 -0.49
O3B GDP B . -1.19 9.34 -1.41
O3A GDP B . 1.28 9.98 -1.27
PA GDP B . 1.31 10.24 -2.86
O1A GDP B . 0.81 9.04 -3.61
O2A GDP B . 0.49 11.46 -3.21
O5' GDP B . 2.87 10.50 -3.15
C5' GDP B . 3.36 11.84 -3.17
C4' GDP B . 4.61 11.95 -4.04
O4' GDP B . 5.50 10.85 -3.86
C3' GDP B . 4.28 11.99 -5.52
O3' GDP B . 4.17 13.34 -5.97
C2' GDP B . 5.43 11.29 -6.19
O2' GDP B . 6.20 12.23 -6.95
C1' GDP B . 6.27 10.70 -5.07
N9 GDP B . 6.57 9.29 -5.37
C8 GDP B . 5.71 8.25 -5.29
N7 GDP B . 6.31 7.09 -5.64
C5 GDP B . 7.60 7.37 -5.95
C6 GDP B . 8.78 6.60 -6.41
O6 GDP B . 8.72 5.37 -6.58
N1 GDP B . 9.92 7.27 -6.61
C2 GDP B . 10.02 8.61 -6.43
N2 GDP B . 11.20 9.21 -6.66
N3 GDP B . 8.97 9.37 -6.02
C4 GDP B . 7.76 8.81 -5.78
C1 GOL C . 9.16 -12.47 1.61
O1 GOL C . 8.24 -11.86 0.74
C2 GOL C . 8.41 -13.22 2.71
O2 GOL C . 7.03 -12.98 2.56
C3 GOL C . 8.86 -12.72 4.07
O3 GOL C . 8.23 -13.50 5.07
C1 GOL D . -18.99 -5.77 -0.80
O1 GOL D . -18.98 -4.38 -0.56
C2 GOL D . -19.38 -6.04 -2.26
O2 GOL D . -20.17 -4.97 -2.74
C3 GOL D . -20.17 -7.34 -2.36
O3 GOL D . -20.38 -7.65 -3.71
C1 GOL E . -16.28 14.17 20.19
O1 GOL E . -14.93 13.84 20.39
C2 GOL E . -16.43 14.89 18.85
O2 GOL E . -15.22 14.78 18.13
C3 GOL E . -16.73 16.37 19.09
O3 GOL E . -16.97 17.00 17.86
C1 EDO F . 10.43 10.89 0.70
O1 EDO F . 11.22 10.44 1.80
C2 EDO F . 11.32 11.28 -0.46
O2 EDO F . 10.52 11.74 -1.56
C1 EDO G . -21.07 -2.53 -7.39
O1 EDO G . -21.49 -2.38 -6.02
C2 EDO G . -20.35 -1.25 -7.82
O2 EDO G . -20.07 -1.33 -9.22
C1 EDO H . 7.79 11.59 3.23
O1 EDO H . 6.98 11.71 2.07
C2 EDO H . 8.08 10.13 3.52
O2 EDO H . 6.85 9.43 3.74
#